data_2PIF
#
_entry.id   2PIF
#
_cell.length_a   66.310
_cell.length_b   85.951
_cell.length_c   93.941
_cell.angle_alpha   90.00
_cell.angle_beta   90.00
_cell.angle_gamma   90.00
#
_symmetry.space_group_name_H-M   'P 21 21 2'
#
loop_
_entity.id
_entity.type
_entity.pdbx_description
1 polymer 'UPF0317 protein PSPTO_5379'
2 water water
#
_entity_poly.entity_id   1
_entity_poly.type   'polypeptide(L)'
_entity_poly.pdbx_seq_one_letter_code
;(MSE)NAFDRARQSAIAAAREARGTYRNGLVTPTAGVAPG(MSE)TQANLIALPRDWAYDFLLYAQRNPKACPILDVSDA
GSPTTLLAEGSDLRTDIP(MSE)YRIWRDGKLAEEVSDATQAWAEHDD(MSE)VAFLIGCSFTFETPLQEAGIEVRHITD
GCNVP(MSE)YRTNRACRPAGRLHGE(MSE)VVS(MSE)RPIPADRVAEASAISGRYPSVHGAPVHIGEPGRLGINDLSR
PDFGDAVSIKPGEVPVFWACGVTPQAAV(MSE)ASGVPFAITHSPGY(MSE)FITDVPDSTYHVLEHHHHHH
;
_entity_poly.pdbx_strand_id   A,B
#
# COMPACT_ATOMS: atom_id res chain seq x y z
N ALA A 7 -19.85 23.53 -9.53
CA ALA A 7 -19.71 23.37 -8.05
C ALA A 7 -19.42 21.92 -7.70
N ARG A 8 -18.80 21.72 -6.54
CA ARG A 8 -18.47 20.38 -6.08
C ARG A 8 -19.76 19.60 -5.83
N GLN A 9 -20.78 20.33 -5.39
CA GLN A 9 -22.08 19.75 -5.07
C GLN A 9 -22.76 19.18 -6.32
N SER A 10 -22.68 19.91 -7.43
CA SER A 10 -23.32 19.45 -8.65
C SER A 10 -22.58 18.29 -9.31
N ALA A 11 -21.25 18.32 -9.26
CA ALA A 11 -20.44 17.26 -9.84
C ALA A 11 -20.78 15.93 -9.19
N ILE A 12 -20.99 15.95 -7.88
CA ILE A 12 -21.34 14.74 -7.12
C ILE A 12 -22.72 14.29 -7.56
N ALA A 13 -23.61 15.25 -7.78
CA ALA A 13 -24.97 14.93 -8.19
C ALA A 13 -24.92 14.16 -9.51
N ALA A 14 -24.17 14.70 -10.47
CA ALA A 14 -24.04 14.06 -11.78
C ALA A 14 -23.44 12.66 -11.64
N ALA A 15 -22.66 12.47 -10.58
CA ALA A 15 -22.05 11.16 -10.33
C ALA A 15 -23.12 10.19 -9.82
N ARG A 16 -23.92 10.61 -8.86
CA ARG A 16 -24.99 9.77 -8.33
C ARG A 16 -25.99 9.52 -9.45
N GLU A 17 -26.13 10.52 -10.33
CA GLU A 17 -27.05 10.44 -11.46
C GLU A 17 -26.63 9.35 -12.43
N ALA A 18 -25.38 9.44 -12.88
CA ALA A 18 -24.81 8.49 -13.84
C ALA A 18 -24.88 7.03 -13.40
N ARG A 19 -24.27 6.70 -12.28
CA ARG A 19 -24.33 5.31 -11.85
C ARG A 19 -25.75 4.89 -11.47
N GLY A 20 -26.63 5.87 -11.30
CA GLY A 20 -28.01 5.56 -10.99
C GLY A 20 -28.62 4.93 -12.24
N THR A 21 -28.23 5.46 -13.39
CA THR A 21 -28.71 4.99 -14.69
C THR A 21 -28.19 3.59 -15.01
N TYR A 22 -26.90 3.37 -14.72
CA TYR A 22 -26.25 2.09 -14.98
C TYR A 22 -26.89 1.02 -14.10
N ARG A 23 -27.36 1.46 -12.94
CA ARG A 23 -28.02 0.56 -12.00
C ARG A 23 -29.29 0.10 -12.68
N ASN A 24 -29.82 0.98 -13.52
CA ASN A 24 -31.06 0.73 -14.27
C ASN A 24 -30.79 0.03 -15.59
N GLY A 25 -29.56 -0.45 -15.76
CA GLY A 25 -29.21 -1.17 -16.97
C GLY A 25 -28.59 -0.41 -18.12
N LEU A 26 -28.52 0.92 -18.02
CA LEU A 26 -27.92 1.72 -19.10
C LEU A 26 -26.50 1.25 -19.41
N VAL A 27 -26.17 1.19 -20.69
CA VAL A 27 -24.83 0.75 -21.09
C VAL A 27 -24.16 1.74 -22.03
N THR A 28 -23.28 2.58 -21.47
CA THR A 28 -22.56 3.56 -22.25
C THR A 28 -21.22 3.87 -21.60
N PRO A 29 -20.18 4.13 -22.41
CA PRO A 29 -18.85 4.43 -21.85
C PRO A 29 -18.96 5.57 -20.84
N THR A 30 -18.11 5.53 -19.83
CA THR A 30 -18.11 6.56 -18.79
C THR A 30 -17.18 7.71 -19.09
N ALA A 31 -16.44 7.60 -20.20
CA ALA A 31 -15.51 8.65 -20.59
C ALA A 31 -16.19 10.03 -20.64
N GLY A 32 -15.79 10.91 -19.75
CA GLY A 32 -16.36 12.24 -19.69
C GLY A 32 -17.81 12.28 -19.31
N VAL A 33 -18.24 11.39 -18.42
CA VAL A 33 -19.64 11.34 -17.99
C VAL A 33 -19.94 12.31 -16.86
N ALA A 34 -19.00 12.44 -15.93
CA ALA A 34 -19.18 13.37 -14.81
C ALA A 34 -17.86 14.10 -14.65
N PRO A 35 -17.64 15.15 -15.44
CA PRO A 35 -16.40 15.93 -15.39
C PRO A 35 -15.93 16.26 -13.99
N GLY A 36 -14.65 16.02 -13.73
CA GLY A 36 -14.09 16.30 -12.42
C GLY A 36 -14.32 15.24 -11.36
N MSE A 37 -14.84 14.09 -11.77
CA MSE A 37 -15.08 13.02 -10.83
C MSE A 37 -14.17 11.81 -11.08
O MSE A 37 -14.06 11.32 -12.20
CB MSE A 37 -16.55 12.58 -10.88
CG MSE A 37 -17.50 13.64 -10.33
SE MSE A 37 -17.17 14.10 -8.47
CE MSE A 37 -18.26 12.76 -7.64
N THR A 38 -13.51 11.36 -10.01
CA THR A 38 -12.61 10.23 -10.10
C THR A 38 -13.36 8.98 -10.55
N GLN A 39 -12.80 8.32 -11.55
CA GLN A 39 -13.37 7.08 -12.06
C GLN A 39 -12.38 5.98 -11.69
N ALA A 40 -12.88 4.81 -11.35
CA ALA A 40 -12.00 3.72 -10.97
C ALA A 40 -12.17 2.43 -11.77
N ASN A 41 -11.13 1.60 -11.75
CA ASN A 41 -11.14 0.30 -12.42
C ASN A 41 -11.63 -0.65 -11.33
N LEU A 42 -12.09 -1.83 -11.71
CA LEU A 42 -12.55 -2.79 -10.72
C LEU A 42 -12.05 -4.20 -10.96
N ILE A 43 -11.97 -4.94 -9.88
CA ILE A 43 -11.63 -6.35 -9.91
C ILE A 43 -12.10 -6.91 -8.58
N ALA A 44 -12.99 -7.89 -8.64
CA ALA A 44 -13.53 -8.51 -7.46
C ALA A 44 -13.15 -9.98 -7.46
N LEU A 45 -12.62 -10.45 -6.34
CA LEU A 45 -12.19 -11.84 -6.24
C LEU A 45 -12.62 -12.49 -4.95
N PRO A 46 -12.69 -13.81 -4.95
CA PRO A 46 -13.09 -14.50 -3.72
C PRO A 46 -11.96 -14.21 -2.73
N ARG A 47 -12.33 -13.95 -1.48
CA ARG A 47 -11.32 -13.64 -0.46
C ARG A 47 -10.01 -14.40 -0.66
N ASP A 48 -10.08 -15.71 -0.87
CA ASP A 48 -8.86 -16.48 -1.03
C ASP A 48 -7.90 -15.92 -2.06
N TRP A 49 -8.42 -15.57 -3.23
CA TRP A 49 -7.57 -15.00 -4.28
C TRP A 49 -7.33 -13.52 -4.01
N ALA A 50 -8.15 -12.92 -3.15
CA ALA A 50 -8.00 -11.50 -2.84
C ALA A 50 -6.68 -11.24 -2.13
N TYR A 51 -6.14 -12.24 -1.43
CA TYR A 51 -4.87 -12.08 -0.76
C TYR A 51 -3.79 -11.98 -1.82
N ASP A 52 -3.91 -12.81 -2.85
CA ASP A 52 -2.94 -12.79 -3.94
C ASP A 52 -2.95 -11.43 -4.60
N PHE A 53 -4.14 -10.90 -4.87
CA PHE A 53 -4.19 -9.60 -5.53
C PHE A 53 -3.80 -8.42 -4.64
N LEU A 54 -4.14 -8.47 -3.36
CA LEU A 54 -3.78 -7.37 -2.46
C LEU A 54 -2.27 -7.23 -2.46
N LEU A 55 -1.58 -8.36 -2.45
CA LEU A 55 -0.12 -8.38 -2.45
C LEU A 55 0.42 -8.01 -3.82
N TYR A 56 -0.35 -8.35 -4.85
CA TYR A 56 0.03 -8.04 -6.21
C TYR A 56 -0.03 -6.53 -6.29
N ALA A 57 -1.04 -5.97 -5.61
CA ALA A 57 -1.20 -4.52 -5.59
C ALA A 57 -0.12 -3.85 -4.73
N GLN A 58 0.29 -4.48 -3.62
CA GLN A 58 1.31 -3.84 -2.81
C GLN A 58 2.65 -3.97 -3.52
N ARG A 59 2.79 -5.00 -4.35
CA ARG A 59 4.03 -5.19 -5.09
C ARG A 59 4.09 -4.44 -6.43
N ASN A 60 2.95 -3.95 -6.91
CA ASN A 60 2.93 -3.20 -8.16
C ASN A 60 1.97 -2.00 -8.04
N PRO A 61 2.24 -1.11 -7.08
CA PRO A 61 1.42 0.08 -6.84
C PRO A 61 1.23 1.01 -8.03
N LYS A 62 2.21 1.06 -8.93
CA LYS A 62 2.08 1.93 -10.09
C LYS A 62 0.99 1.43 -11.04
N ALA A 63 0.99 0.12 -11.28
CA ALA A 63 0.02 -0.52 -12.18
C ALA A 63 -1.31 -0.81 -11.52
N CYS A 64 -1.29 -1.01 -10.21
CA CYS A 64 -2.52 -1.30 -9.50
C CYS A 64 -2.67 -0.42 -8.27
N PRO A 65 -2.79 0.90 -8.45
CA PRO A 65 -2.94 1.73 -7.25
C PRO A 65 -4.34 1.56 -6.71
N ILE A 66 -4.44 1.12 -5.46
CA ILE A 66 -5.73 0.90 -4.83
C ILE A 66 -6.40 2.17 -4.31
N LEU A 67 -7.66 2.38 -4.69
CA LEU A 67 -8.43 3.52 -4.19
C LEU A 67 -9.19 3.00 -2.98
N ASP A 68 -9.63 1.75 -3.06
CA ASP A 68 -10.33 1.14 -1.93
C ASP A 68 -10.52 -0.35 -2.08
N VAL A 69 -10.70 -1.01 -0.94
CA VAL A 69 -10.91 -2.44 -0.91
C VAL A 69 -12.12 -2.65 -0.02
N SER A 70 -13.16 -3.28 -0.56
CA SER A 70 -14.38 -3.53 0.19
C SER A 70 -14.15 -4.65 1.19
N ASP A 71 -15.05 -4.78 2.17
CA ASP A 71 -14.92 -5.86 3.14
C ASP A 71 -15.36 -7.12 2.39
N ALA A 72 -15.09 -8.28 2.98
CA ALA A 72 -15.45 -9.57 2.36
C ALA A 72 -16.91 -9.64 1.91
N GLY A 73 -17.81 -8.99 2.64
CA GLY A 73 -19.23 -9.01 2.27
C GLY A 73 -19.67 -7.75 1.53
N SER A 74 -18.94 -7.37 0.49
CA SER A 74 -19.26 -6.20 -0.31
C SER A 74 -20.70 -6.26 -0.84
N PRO A 75 -21.08 -5.37 -1.79
CA PRO A 75 -20.34 -4.30 -2.45
C PRO A 75 -20.10 -3.13 -1.53
N THR A 76 -20.63 -1.97 -1.89
CA THR A 76 -20.47 -0.75 -1.10
C THR A 76 -19.01 -0.37 -0.94
N THR A 77 -18.73 0.90 -1.17
CA THR A 77 -17.39 1.45 -1.05
C THR A 77 -17.48 2.88 -0.54
N LEU A 78 -16.51 3.28 0.25
CA LEU A 78 -16.48 4.62 0.81
C LEU A 78 -16.31 5.70 -0.25
N LEU A 79 -15.99 5.29 -1.48
CA LEU A 79 -15.81 6.24 -2.57
C LEU A 79 -17.14 6.73 -3.11
N ALA A 80 -18.21 6.02 -2.77
CA ALA A 80 -19.55 6.39 -3.23
C ALA A 80 -20.60 5.85 -2.25
N GLU A 81 -20.95 6.67 -1.26
CA GLU A 81 -21.94 6.28 -0.25
C GLU A 81 -23.25 5.84 -0.92
N GLY A 82 -23.77 4.70 -0.47
CA GLY A 82 -25.02 4.18 -1.01
C GLY A 82 -24.94 3.48 -2.35
N SER A 83 -23.75 3.37 -2.90
CA SER A 83 -23.57 2.73 -4.19
C SER A 83 -23.49 1.22 -4.05
N ASP A 84 -23.80 0.50 -5.13
CA ASP A 84 -23.74 -0.96 -5.13
C ASP A 84 -22.84 -1.34 -6.29
N LEU A 85 -21.67 -1.89 -5.96
CA LEU A 85 -20.68 -2.28 -6.96
C LEU A 85 -21.17 -3.32 -7.98
N ARG A 86 -22.23 -4.03 -7.63
CA ARG A 86 -22.76 -5.06 -8.53
C ARG A 86 -23.58 -4.52 -9.69
N THR A 87 -24.14 -3.32 -9.54
CA THR A 87 -24.99 -2.75 -10.58
C THR A 87 -24.56 -1.41 -11.16
N ASP A 88 -23.91 -0.59 -10.34
CA ASP A 88 -23.54 0.75 -10.76
C ASP A 88 -22.40 0.94 -11.75
N ILE A 89 -22.04 -0.12 -12.45
CA ILE A 89 -21.00 -0.05 -13.47
C ILE A 89 -21.71 -0.38 -14.77
N PRO A 90 -21.37 0.32 -15.87
CA PRO A 90 -22.04 0.02 -17.13
C PRO A 90 -21.94 -1.43 -17.58
N MSE A 91 -20.71 -1.91 -17.72
CA MSE A 91 -20.48 -3.27 -18.18
C MSE A 91 -19.36 -3.98 -17.40
O MSE A 91 -18.30 -3.41 -17.15
CB MSE A 91 -20.15 -3.25 -19.67
CG MSE A 91 -19.89 -4.60 -20.28
SE MSE A 91 -19.61 -4.51 -22.19
CE MSE A 91 -21.39 -5.05 -22.74
N TYR A 92 -19.62 -5.23 -17.05
CA TYR A 92 -18.71 -6.07 -16.28
C TYR A 92 -18.13 -7.19 -17.14
N ARG A 93 -16.90 -7.60 -16.84
CA ARG A 93 -16.29 -8.71 -17.55
C ARG A 93 -16.23 -9.81 -16.53
N ILE A 94 -16.92 -10.91 -16.77
CA ILE A 94 -16.91 -12.03 -15.84
C ILE A 94 -15.87 -13.03 -16.32
N TRP A 95 -14.88 -13.29 -15.49
CA TRP A 95 -13.82 -14.22 -15.86
C TRP A 95 -13.92 -15.57 -15.18
N ARG A 96 -13.58 -16.62 -15.91
CA ARG A 96 -13.59 -17.97 -15.40
C ARG A 96 -12.38 -18.69 -15.92
N ASP A 97 -11.67 -19.35 -15.02
CA ASP A 97 -10.47 -20.08 -15.38
C ASP A 97 -9.53 -19.32 -16.30
N GLY A 98 -9.28 -18.05 -15.97
CA GLY A 98 -8.36 -17.23 -16.74
C GLY A 98 -8.79 -16.77 -18.12
N LYS A 99 -10.07 -16.91 -18.43
CA LYS A 99 -10.58 -16.50 -19.73
C LYS A 99 -11.88 -15.72 -19.55
N LEU A 100 -12.12 -14.77 -20.44
CA LEU A 100 -13.33 -13.97 -20.36
C LEU A 100 -14.47 -14.90 -20.78
N ALA A 101 -15.43 -15.10 -19.88
CA ALA A 101 -16.55 -15.99 -20.17
C ALA A 101 -17.78 -15.23 -20.66
N GLU A 102 -17.90 -13.96 -20.28
CA GLU A 102 -19.07 -13.18 -20.68
C GLU A 102 -19.04 -11.75 -20.18
N GLU A 103 -19.83 -10.92 -20.85
CA GLU A 103 -19.98 -9.52 -20.51
C GLU A 103 -21.43 -9.34 -20.03
N VAL A 104 -21.64 -8.41 -19.09
CA VAL A 104 -22.98 -8.19 -18.57
C VAL A 104 -23.14 -6.79 -17.98
N SER A 105 -24.37 -6.29 -18.03
CA SER A 105 -24.70 -4.95 -17.52
C SER A 105 -24.93 -4.96 -16.03
N ASP A 106 -25.21 -6.14 -15.49
CA ASP A 106 -25.47 -6.30 -14.06
C ASP A 106 -24.61 -7.47 -13.59
N ALA A 107 -23.93 -7.31 -12.47
CA ALA A 107 -23.07 -8.38 -11.94
C ALA A 107 -23.64 -9.04 -10.68
N THR A 108 -24.84 -8.64 -10.29
CA THR A 108 -25.49 -9.18 -9.10
C THR A 108 -25.49 -10.72 -9.04
N GLN A 109 -25.78 -11.37 -10.17
CA GLN A 109 -25.82 -12.82 -10.19
C GLN A 109 -24.42 -13.44 -10.06
N ALA A 110 -23.50 -13.00 -10.89
CA ALA A 110 -22.13 -13.50 -10.85
C ALA A 110 -21.56 -13.31 -9.45
N TRP A 111 -21.86 -12.17 -8.83
CA TRP A 111 -21.38 -11.86 -7.49
C TRP A 111 -21.95 -12.81 -6.43
N ALA A 112 -23.05 -13.48 -6.75
CA ALA A 112 -23.68 -14.39 -5.81
C ALA A 112 -22.98 -15.74 -5.75
N GLU A 113 -22.24 -16.08 -6.80
CA GLU A 113 -21.54 -17.36 -6.82
C GLU A 113 -20.59 -17.54 -5.62
N HIS A 114 -20.16 -16.42 -5.03
CA HIS A 114 -19.29 -16.47 -3.86
C HIS A 114 -19.79 -15.48 -2.82
N ASP A 115 -19.77 -15.89 -1.55
CA ASP A 115 -20.24 -15.04 -0.47
C ASP A 115 -19.15 -14.28 0.29
N ASP A 116 -17.92 -14.38 -0.19
CA ASP A 116 -16.83 -13.67 0.46
C ASP A 116 -16.02 -12.95 -0.61
N MSE A 117 -16.74 -12.41 -1.59
CA MSE A 117 -16.15 -11.67 -2.69
C MSE A 117 -15.49 -10.41 -2.14
O MSE A 117 -16.02 -9.76 -1.24
CB MSE A 117 -17.24 -11.27 -3.69
CG MSE A 117 -17.73 -12.38 -4.59
SE MSE A 117 -16.40 -12.88 -5.89
CE MSE A 117 -16.65 -11.39 -7.10
N VAL A 118 -14.32 -10.07 -2.68
CA VAL A 118 -13.62 -8.87 -2.25
C VAL A 118 -13.46 -7.95 -3.45
N ALA A 119 -14.00 -6.73 -3.33
CA ALA A 119 -13.94 -5.74 -4.39
C ALA A 119 -12.77 -4.75 -4.24
N PHE A 120 -12.00 -4.60 -5.31
CA PHE A 120 -10.86 -3.69 -5.31
C PHE A 120 -11.12 -2.57 -6.32
N LEU A 121 -11.21 -1.32 -5.85
CA LEU A 121 -11.43 -0.19 -6.75
C LEU A 121 -10.05 0.40 -7.04
N ILE A 122 -9.64 0.31 -8.29
CA ILE A 122 -8.31 0.75 -8.69
C ILE A 122 -8.20 1.99 -9.56
N GLY A 123 -7.33 2.90 -9.14
CA GLY A 123 -7.10 4.12 -9.87
C GLY A 123 -6.37 5.20 -9.07
N CYS A 124 -6.38 6.41 -9.61
CA CYS A 124 -5.72 7.54 -8.98
C CYS A 124 -6.61 8.78 -9.06
N SER A 125 -6.81 9.45 -7.92
CA SER A 125 -7.63 10.65 -7.85
C SER A 125 -7.05 11.79 -8.70
N PHE A 126 -5.76 11.71 -8.98
CA PHE A 126 -5.10 12.72 -9.81
C PHE A 126 -5.16 12.28 -11.27
N THR A 127 -5.61 13.17 -12.15
CA THR A 127 -5.68 12.86 -13.58
C THR A 127 -4.77 13.86 -14.28
N PHE A 128 -3.77 13.34 -14.98
CA PHE A 128 -2.83 14.20 -15.70
C PHE A 128 -3.44 14.76 -16.98
N GLU A 129 -4.54 14.15 -17.43
CA GLU A 129 -5.21 14.57 -18.67
C GLU A 129 -5.71 16.00 -18.59
N THR A 130 -6.27 16.38 -17.44
CA THR A 130 -6.78 17.72 -17.25
C THR A 130 -5.67 18.75 -17.44
N PRO A 131 -4.59 18.66 -16.65
CA PRO A 131 -3.51 19.63 -16.80
C PRO A 131 -2.85 19.59 -18.19
N LEU A 132 -2.82 18.44 -18.83
CA LEU A 132 -2.23 18.36 -20.16
C LEU A 132 -3.04 19.25 -21.08
N GLN A 133 -4.33 18.94 -21.22
CA GLN A 133 -5.21 19.74 -22.06
C GLN A 133 -5.12 21.20 -21.67
N GLU A 134 -4.91 21.47 -20.39
CA GLU A 134 -4.78 22.84 -19.92
C GLU A 134 -3.57 23.49 -20.58
N ALA A 135 -2.46 22.76 -20.66
CA ALA A 135 -1.25 23.27 -21.27
C ALA A 135 -1.37 23.40 -22.78
N GLY A 136 -2.46 22.86 -23.32
CA GLY A 136 -2.74 22.95 -24.75
C GLY A 136 -2.11 21.82 -25.54
N ILE A 137 -2.16 20.62 -24.97
CA ILE A 137 -1.46 19.47 -25.55
C ILE A 137 -2.41 18.61 -26.38
N GLU A 138 -3.57 18.32 -25.82
CA GLU A 138 -4.61 17.59 -26.55
C GLU A 138 -4.53 16.09 -26.26
N VAL A 139 -5.67 15.50 -25.92
CA VAL A 139 -5.74 14.07 -25.65
C VAL A 139 -6.46 13.33 -26.76
N ARG A 140 -5.70 12.72 -27.67
CA ARG A 140 -6.23 12.27 -28.95
C ARG A 140 -7.59 11.61 -28.77
N HIS A 141 -7.66 10.61 -27.91
CA HIS A 141 -8.88 9.84 -27.72
C HIS A 141 -10.07 10.66 -27.21
N ILE A 142 -9.79 11.76 -26.52
CA ILE A 142 -10.86 12.62 -26.03
C ILE A 142 -11.35 13.49 -27.18
N THR A 143 -10.41 13.98 -27.98
CA THR A 143 -10.72 14.81 -29.13
C THR A 143 -11.73 14.07 -29.99
N ASP A 144 -11.82 12.77 -29.75
CA ASP A 144 -12.77 11.91 -30.45
C ASP A 144 -13.63 11.26 -29.37
N GLY A 145 -14.76 10.67 -29.77
CA GLY A 145 -15.62 10.00 -28.80
C GLY A 145 -15.01 8.63 -28.68
N CYS A 146 -13.77 8.61 -28.23
CA CYS A 146 -12.99 7.40 -28.12
C CYS A 146 -12.64 6.88 -26.72
N ASN A 147 -12.27 5.61 -26.68
CA ASN A 147 -11.81 5.00 -25.44
C ASN A 147 -10.31 4.95 -25.70
N VAL A 148 -9.53 5.42 -24.73
CA VAL A 148 -8.08 5.40 -24.90
C VAL A 148 -7.62 3.99 -25.27
N PRO A 149 -6.65 3.87 -26.19
CA PRO A 149 -6.16 2.54 -26.57
C PRO A 149 -5.23 2.04 -25.46
N MSE A 150 -5.23 0.73 -25.22
CA MSE A 150 -4.40 0.13 -24.18
C MSE A 150 -3.71 -1.12 -24.71
O MSE A 150 -4.29 -1.86 -25.52
CB MSE A 150 -5.24 -0.21 -22.96
CG MSE A 150 -5.90 0.99 -22.29
SE MSE A 150 -7.36 0.46 -21.12
CE MSE A 150 -7.27 1.90 -19.83
N TYR A 151 -2.49 -1.36 -24.25
CA TYR A 151 -1.71 -2.50 -24.71
C TYR A 151 -1.10 -3.36 -23.60
N ARG A 152 -1.07 -4.67 -23.87
CA ARG A 152 -0.47 -5.61 -22.95
C ARG A 152 0.99 -5.56 -23.40
N THR A 153 1.89 -5.20 -22.48
CA THR A 153 3.31 -5.07 -22.80
C THR A 153 4.05 -6.35 -22.47
N ASN A 154 5.37 -6.29 -22.62
CA ASN A 154 6.26 -7.40 -22.32
C ASN A 154 6.93 -7.13 -20.97
N ARG A 155 6.46 -6.08 -20.27
CA ARG A 155 7.03 -5.73 -18.97
C ARG A 155 6.33 -6.52 -17.87
N ALA A 156 7.02 -7.50 -17.31
CA ALA A 156 6.45 -8.33 -16.26
C ALA A 156 6.28 -7.62 -14.93
N CYS A 157 5.13 -7.81 -14.31
CA CYS A 157 4.86 -7.23 -13.00
C CYS A 157 5.53 -8.13 -11.98
N ARG A 158 5.70 -7.63 -10.77
CA ARG A 158 6.29 -8.44 -9.73
C ARG A 158 5.20 -9.44 -9.29
N PRO A 159 5.48 -10.75 -9.41
CA PRO A 159 4.47 -11.73 -9.00
C PRO A 159 4.18 -11.74 -7.49
N ALA A 160 3.01 -12.29 -7.15
CA ALA A 160 2.54 -12.41 -5.77
C ALA A 160 1.61 -13.62 -5.70
N GLY A 161 1.91 -14.55 -4.79
CA GLY A 161 1.07 -15.73 -4.67
C GLY A 161 1.00 -16.45 -6.00
N ARG A 162 -0.21 -16.76 -6.45
CA ARG A 162 -0.43 -17.45 -7.70
C ARG A 162 -0.57 -16.50 -8.88
N LEU A 163 -0.57 -15.20 -8.59
CA LEU A 163 -0.70 -14.17 -9.61
C LEU A 163 0.63 -13.71 -10.19
N HIS A 164 0.62 -13.47 -11.50
CA HIS A 164 1.77 -12.99 -12.24
C HIS A 164 1.23 -12.49 -13.56
N GLY A 165 1.96 -11.59 -14.22
CA GLY A 165 1.48 -11.08 -15.49
C GLY A 165 2.19 -9.83 -15.96
N GLU A 166 1.86 -9.40 -17.17
CA GLU A 166 2.46 -8.21 -17.74
C GLU A 166 1.65 -6.97 -17.39
N MSE A 167 2.28 -5.81 -17.50
CA MSE A 167 1.65 -4.53 -17.23
C MSE A 167 0.83 -4.11 -18.45
O MSE A 167 1.19 -4.44 -19.58
CB MSE A 167 2.70 -3.46 -16.97
CG MSE A 167 2.16 -2.05 -16.76
SE MSE A 167 3.61 -0.78 -16.56
CE MSE A 167 3.73 -0.81 -14.62
N VAL A 168 -0.27 -3.39 -18.23
CA VAL A 168 -1.07 -2.92 -19.34
C VAL A 168 -0.98 -1.41 -19.35
N VAL A 169 -0.68 -0.84 -20.51
CA VAL A 169 -0.53 0.60 -20.64
C VAL A 169 -1.52 1.28 -21.58
N SER A 170 -1.83 2.54 -21.29
CA SER A 170 -2.71 3.33 -22.14
C SER A 170 -1.77 4.28 -22.86
N MSE A 171 -2.06 4.62 -24.12
CA MSE A 171 -1.20 5.52 -24.86
C MSE A 171 -1.91 6.71 -25.46
O MSE A 171 -3.06 6.61 -25.89
CB MSE A 171 -0.44 4.73 -25.95
CG MSE A 171 -1.02 4.80 -27.36
SE MSE A 171 -0.55 6.39 -28.41
CE MSE A 171 0.81 7.09 -27.25
N ARG A 172 -1.23 7.86 -25.50
CA ARG A 172 -1.75 9.08 -26.06
C ARG A 172 -0.64 9.73 -26.89
N PRO A 173 -0.90 10.01 -28.17
CA PRO A 173 0.13 10.62 -29.02
C PRO A 173 0.40 12.04 -28.55
N ILE A 174 1.67 12.37 -28.33
CA ILE A 174 2.04 13.70 -27.91
C ILE A 174 2.98 14.24 -28.97
N PRO A 175 2.76 15.50 -29.41
CA PRO A 175 3.63 16.09 -30.43
C PRO A 175 5.07 16.16 -29.95
N ALA A 176 5.99 15.88 -30.87
CA ALA A 176 7.42 15.87 -30.59
C ALA A 176 7.98 16.92 -29.65
N ASP A 177 7.53 18.17 -29.81
CA ASP A 177 8.06 19.23 -28.96
C ASP A 177 7.38 19.38 -27.61
N ARG A 178 6.38 18.56 -27.33
CA ARG A 178 5.69 18.65 -26.04
C ARG A 178 5.92 17.40 -25.17
N VAL A 179 6.68 16.44 -25.70
CA VAL A 179 6.95 15.19 -25.00
C VAL A 179 7.56 15.40 -23.63
N ALA A 180 8.65 16.16 -23.56
CA ALA A 180 9.31 16.43 -22.29
C ALA A 180 8.35 17.02 -21.24
N GLU A 181 7.65 18.09 -21.58
CA GLU A 181 6.73 18.70 -20.64
C GLU A 181 5.48 17.83 -20.43
N ALA A 182 5.17 16.94 -21.37
CA ALA A 182 4.02 16.08 -21.21
C ALA A 182 4.34 15.06 -20.11
N SER A 183 5.57 14.58 -20.14
CA SER A 183 6.03 13.61 -19.15
C SER A 183 6.19 14.27 -17.78
N ALA A 184 6.67 15.51 -17.78
CA ALA A 184 6.88 16.27 -16.55
C ALA A 184 5.56 16.71 -15.91
N ILE A 185 4.61 17.13 -16.75
CA ILE A 185 3.30 17.54 -16.27
C ILE A 185 2.62 16.37 -15.58
N SER A 186 2.62 15.21 -16.23
CA SER A 186 1.98 14.03 -15.65
C SER A 186 2.79 13.39 -14.52
N GLY A 187 4.05 13.75 -14.40
CA GLY A 187 4.87 13.20 -13.33
C GLY A 187 4.89 14.10 -12.11
N ARG A 188 4.26 15.28 -12.25
CA ARG A 188 4.21 16.26 -11.17
C ARG A 188 3.27 15.81 -10.05
N HIS A 193 4.39 8.42 -9.36
CA HIS A 193 3.44 7.40 -9.80
C HIS A 193 2.84 7.67 -11.18
N GLY A 194 2.47 8.93 -11.44
CA GLY A 194 1.86 9.28 -12.72
C GLY A 194 2.82 9.43 -13.89
N ALA A 195 4.11 9.24 -13.65
CA ALA A 195 5.12 9.38 -14.71
C ALA A 195 4.98 8.29 -15.77
N PRO A 196 5.18 8.65 -17.06
CA PRO A 196 5.08 7.71 -18.17
C PRO A 196 6.05 6.56 -17.97
N VAL A 197 5.63 5.35 -18.31
CA VAL A 197 6.49 4.18 -18.18
C VAL A 197 7.39 4.05 -19.40
N HIS A 198 6.99 4.65 -20.51
CA HIS A 198 7.78 4.59 -21.74
C HIS A 198 7.42 5.68 -22.75
N ILE A 199 8.44 6.17 -23.44
CA ILE A 199 8.24 7.22 -24.44
C ILE A 199 8.92 6.81 -25.75
N GLY A 200 8.13 6.72 -26.82
CA GLY A 200 8.68 6.37 -28.12
C GLY A 200 8.37 4.99 -28.68
N GLU A 201 9.38 4.39 -29.29
CA GLU A 201 9.32 3.05 -29.87
C GLU A 201 8.34 2.09 -29.22
N PRO A 202 7.20 1.81 -29.87
CA PRO A 202 6.20 0.89 -29.32
C PRO A 202 6.79 -0.51 -29.08
N GLY A 203 7.57 -0.97 -30.05
CA GLY A 203 8.19 -2.28 -29.99
C GLY A 203 8.94 -2.59 -28.72
N ARG A 204 9.60 -1.60 -28.13
CA ARG A 204 10.36 -1.83 -26.90
C ARG A 204 9.46 -2.29 -25.75
N LEU A 205 8.15 -2.23 -25.97
CA LEU A 205 7.18 -2.65 -24.95
C LEU A 205 6.50 -3.93 -25.39
N GLY A 206 6.88 -4.48 -26.53
CA GLY A 206 6.23 -5.69 -26.98
C GLY A 206 4.91 -5.35 -27.63
N ILE A 207 4.81 -4.13 -28.14
CA ILE A 207 3.61 -3.67 -28.83
C ILE A 207 3.98 -3.71 -30.29
N ASN A 208 3.49 -4.71 -31.02
CA ASN A 208 3.82 -4.84 -32.43
C ASN A 208 2.66 -4.44 -33.34
N ASP A 209 2.26 -3.17 -33.25
CA ASP A 209 1.17 -2.59 -34.05
C ASP A 209 0.23 -1.78 -33.16
N LEU A 210 0.39 -0.46 -33.18
CA LEU A 210 -0.46 0.41 -32.37
C LEU A 210 -1.90 0.52 -32.88
N SER A 211 -2.15 0.04 -34.09
CA SER A 211 -3.49 0.12 -34.64
C SER A 211 -4.40 -0.95 -34.06
N ARG A 212 -3.80 -1.96 -33.43
CA ARG A 212 -4.57 -3.05 -32.84
C ARG A 212 -4.36 -3.11 -31.32
N PRO A 213 -5.05 -2.24 -30.58
CA PRO A 213 -4.93 -2.24 -29.12
C PRO A 213 -5.69 -3.40 -28.46
N ASP A 214 -5.02 -4.06 -27.52
CA ASP A 214 -5.61 -5.19 -26.82
C ASP A 214 -6.87 -4.74 -26.10
N PHE A 215 -6.93 -3.45 -25.76
CA PHE A 215 -8.09 -2.89 -25.09
C PHE A 215 -8.40 -1.51 -25.67
N GLY A 216 -9.64 -1.06 -25.51
CA GLY A 216 -10.02 0.26 -26.01
C GLY A 216 -10.06 0.39 -27.51
N ASP A 217 -10.15 1.63 -27.97
CA ASP A 217 -10.20 1.91 -29.41
C ASP A 217 -8.90 2.50 -29.89
N ALA A 218 -8.47 2.08 -31.08
CA ALA A 218 -7.23 2.59 -31.65
C ALA A 218 -7.47 4.03 -32.09
N VAL A 219 -6.40 4.80 -32.19
CA VAL A 219 -6.50 6.18 -32.62
C VAL A 219 -5.43 6.44 -33.67
N SER A 220 -5.51 7.59 -34.32
CA SER A 220 -4.52 7.94 -35.34
C SER A 220 -3.44 8.77 -34.69
N ILE A 221 -2.22 8.65 -35.21
CA ILE A 221 -1.10 9.41 -34.69
C ILE A 221 -0.42 10.18 -35.82
N LYS A 222 -0.54 11.50 -35.78
CA LYS A 222 0.07 12.36 -36.79
C LYS A 222 1.56 12.01 -36.85
N PRO A 223 2.13 11.95 -38.07
CA PRO A 223 3.54 11.61 -38.26
C PRO A 223 4.57 12.36 -37.39
N GLY A 224 4.17 13.50 -36.82
CA GLY A 224 5.09 14.25 -35.97
C GLY A 224 4.84 13.96 -34.49
N GLU A 225 3.87 13.10 -34.20
CA GLU A 225 3.55 12.76 -32.83
C GLU A 225 4.33 11.55 -32.32
N VAL A 226 4.66 11.59 -31.04
CA VAL A 226 5.39 10.51 -30.38
C VAL A 226 4.50 9.80 -29.38
N PRO A 227 4.38 8.47 -29.52
CA PRO A 227 3.54 7.71 -28.60
C PRO A 227 4.10 7.72 -27.19
N VAL A 228 3.26 7.96 -26.20
CA VAL A 228 3.70 7.96 -24.82
C VAL A 228 2.82 6.95 -24.07
N PHE A 229 3.42 6.22 -23.14
CA PHE A 229 2.67 5.19 -22.43
C PHE A 229 2.66 5.36 -20.94
N TRP A 230 1.51 5.07 -20.35
CA TRP A 230 1.29 5.18 -18.91
C TRP A 230 0.68 3.89 -18.38
N ALA A 231 1.03 3.52 -17.15
CA ALA A 231 0.49 2.29 -16.58
C ALA A 231 -0.98 2.53 -16.26
N CYS A 232 -1.86 1.58 -16.57
CA CYS A 232 -3.28 1.77 -16.25
C CYS A 232 -3.87 0.61 -15.45
N GLY A 233 -5.05 0.87 -14.90
CA GLY A 233 -5.76 -0.08 -14.05
C GLY A 233 -6.39 -1.33 -14.66
N VAL A 234 -6.08 -1.65 -15.91
CA VAL A 234 -6.63 -2.88 -16.46
C VAL A 234 -5.51 -3.92 -16.40
N THR A 235 -4.38 -3.52 -15.80
CA THR A 235 -3.24 -4.41 -15.63
C THR A 235 -3.72 -5.68 -14.93
N PRO A 236 -4.68 -5.57 -14.00
CA PRO A 236 -5.23 -6.71 -13.27
C PRO A 236 -5.86 -7.74 -14.21
N GLN A 237 -6.52 -7.26 -15.26
CA GLN A 237 -7.15 -8.16 -16.22
C GLN A 237 -6.11 -9.03 -16.93
N ALA A 238 -4.93 -8.48 -17.18
CA ALA A 238 -3.90 -9.25 -17.83
C ALA A 238 -3.45 -10.35 -16.88
N ALA A 239 -3.49 -10.07 -15.58
CA ALA A 239 -3.05 -11.04 -14.58
C ALA A 239 -4.03 -12.19 -14.50
N VAL A 240 -5.31 -11.87 -14.59
CA VAL A 240 -6.35 -12.88 -14.56
C VAL A 240 -6.12 -13.90 -15.69
N MSE A 241 -5.75 -13.38 -16.86
CA MSE A 241 -5.50 -14.21 -18.04
C MSE A 241 -4.20 -14.99 -18.05
O MSE A 241 -4.12 -16.06 -18.66
CB MSE A 241 -5.55 -13.35 -19.32
CG MSE A 241 -6.92 -12.87 -19.73
SE MSE A 241 -6.85 -11.76 -21.33
CE MSE A 241 -6.48 -13.18 -22.62
N ALA A 242 -3.17 -14.48 -17.40
CA ALA A 242 -1.89 -15.17 -17.38
C ALA A 242 -1.75 -16.11 -16.19
N SER A 243 -2.64 -15.96 -15.22
CA SER A 243 -2.55 -16.77 -14.00
C SER A 243 -3.70 -17.77 -13.83
N GLY A 244 -4.62 -17.79 -14.80
CA GLY A 244 -5.73 -18.72 -14.74
C GLY A 244 -6.56 -18.65 -13.48
N VAL A 245 -6.90 -17.43 -13.05
CA VAL A 245 -7.71 -17.27 -11.84
C VAL A 245 -9.11 -17.85 -12.10
N PRO A 246 -9.52 -18.83 -11.27
CA PRO A 246 -10.81 -19.49 -11.38
C PRO A 246 -11.97 -18.57 -11.67
N PHE A 247 -12.11 -17.53 -10.86
CA PHE A 247 -13.22 -16.62 -11.03
C PHE A 247 -12.90 -15.20 -10.57
N ALA A 248 -13.17 -14.22 -11.44
CA ALA A 248 -12.93 -12.83 -11.11
C ALA A 248 -13.96 -11.98 -11.83
N ILE A 249 -14.24 -10.80 -11.29
CA ILE A 249 -15.19 -9.88 -11.90
C ILE A 249 -14.51 -8.54 -11.98
N THR A 250 -14.42 -8.00 -13.19
CA THR A 250 -13.79 -6.71 -13.41
C THR A 250 -14.78 -5.90 -14.24
N HIS A 251 -14.39 -4.67 -14.58
CA HIS A 251 -15.23 -3.83 -15.42
C HIS A 251 -14.77 -4.08 -16.84
N SER A 252 -15.52 -3.60 -17.81
CA SER A 252 -15.11 -3.77 -19.20
C SER A 252 -14.37 -2.49 -19.52
N PRO A 253 -13.18 -2.60 -20.12
CA PRO A 253 -12.40 -1.40 -20.46
C PRO A 253 -13.30 -0.33 -21.07
N GLY A 254 -13.22 0.88 -20.52
CA GLY A 254 -14.03 1.98 -21.01
C GLY A 254 -15.37 2.14 -20.30
N TYR A 255 -15.69 1.17 -19.45
CA TYR A 255 -16.92 1.17 -18.68
C TYR A 255 -16.52 1.10 -17.22
N MSE A 256 -16.14 2.23 -16.67
CA MSE A 256 -15.68 2.31 -15.30
C MSE A 256 -16.70 2.68 -14.23
O MSE A 256 -17.86 2.97 -14.53
CB MSE A 256 -14.50 3.27 -15.24
CG MSE A 256 -13.38 2.87 -16.18
SE MSE A 256 -11.96 4.17 -16.19
CE MSE A 256 -10.98 3.55 -14.66
N PHE A 257 -16.24 2.65 -12.99
CA PHE A 257 -17.07 3.00 -11.84
C PHE A 257 -16.76 4.46 -11.49
N ILE A 258 -17.76 5.31 -11.64
CA ILE A 258 -17.62 6.73 -11.33
C ILE A 258 -17.85 6.90 -9.84
N THR A 259 -16.82 7.34 -9.11
CA THR A 259 -16.95 7.51 -7.66
C THR A 259 -17.44 8.91 -7.28
N ASP A 260 -17.44 9.20 -5.99
CA ASP A 260 -17.86 10.52 -5.51
C ASP A 260 -16.64 11.38 -5.18
N VAL A 261 -15.44 10.89 -5.51
CA VAL A 261 -14.21 11.63 -5.21
C VAL A 261 -13.75 12.47 -6.39
N PRO A 262 -13.62 13.79 -6.19
CA PRO A 262 -13.20 14.69 -7.28
C PRO A 262 -11.77 14.38 -7.73
N ALA B 7 30.16 5.63 4.74
CA ALA B 7 31.14 4.97 3.83
C ALA B 7 30.44 4.04 2.86
N ARG B 8 31.08 3.84 1.70
CA ARG B 8 30.54 2.99 0.64
C ARG B 8 30.57 1.51 1.03
N GLN B 9 29.40 0.87 0.99
CA GLN B 9 29.22 -0.55 1.31
C GLN B 9 29.51 -0.89 2.77
N SER B 10 30.35 -0.09 3.42
CA SER B 10 30.70 -0.32 4.81
C SER B 10 29.47 -0.47 5.71
N ALA B 11 28.52 0.45 5.56
CA ALA B 11 27.30 0.41 6.35
C ALA B 11 26.58 -0.93 6.23
N ILE B 12 26.37 -1.40 5.01
CA ILE B 12 25.66 -2.66 4.86
C ILE B 12 26.50 -3.84 5.32
N ALA B 13 27.82 -3.68 5.32
CA ALA B 13 28.70 -4.74 5.79
C ALA B 13 28.45 -4.90 7.28
N ALA B 14 28.47 -3.80 8.01
CA ALA B 14 28.23 -3.85 9.43
C ALA B 14 26.88 -4.51 9.68
N ALA B 15 25.92 -4.25 8.81
CA ALA B 15 24.59 -4.83 8.94
C ALA B 15 24.67 -6.34 8.78
N ARG B 16 25.37 -6.80 7.75
CA ARG B 16 25.53 -8.24 7.55
C ARG B 16 26.19 -8.89 8.78
N GLU B 17 27.32 -8.31 9.21
CA GLU B 17 28.02 -8.83 10.36
C GLU B 17 27.07 -8.93 11.55
N ALA B 18 26.43 -7.81 11.90
CA ALA B 18 25.48 -7.78 13.01
C ALA B 18 24.42 -8.88 12.89
N ARG B 19 23.78 -8.99 11.73
CA ARG B 19 22.77 -10.03 11.54
C ARG B 19 23.43 -11.39 11.76
N GLY B 20 24.70 -11.48 11.40
CA GLY B 20 25.43 -12.72 11.59
C GLY B 20 25.52 -13.14 13.04
N THR B 21 25.92 -12.21 13.91
CA THR B 21 26.02 -12.52 15.33
C THR B 21 24.66 -12.90 15.89
N TYR B 22 23.60 -12.25 15.42
CA TYR B 22 22.26 -12.58 15.92
C TYR B 22 21.85 -13.98 15.47
N ARG B 23 22.31 -14.39 14.30
CA ARG B 23 21.99 -15.71 13.79
C ARG B 23 22.68 -16.74 14.71
N ASN B 24 23.90 -16.42 15.11
CA ASN B 24 24.68 -17.29 15.98
C ASN B 24 24.31 -17.19 17.45
N GLY B 25 23.10 -16.69 17.72
CA GLY B 25 22.64 -16.60 19.09
C GLY B 25 22.95 -15.37 19.92
N LEU B 26 23.53 -14.33 19.34
CA LEU B 26 23.79 -13.14 20.15
C LEU B 26 22.49 -12.40 20.42
N VAL B 27 22.40 -11.83 21.61
CA VAL B 27 21.21 -11.08 22.01
C VAL B 27 21.68 -9.75 22.58
N THR B 28 21.34 -8.65 21.90
CA THR B 28 21.75 -7.33 22.35
C THR B 28 20.85 -6.27 21.72
N PRO B 29 20.59 -5.18 22.45
CA PRO B 29 19.74 -4.12 21.89
C PRO B 29 20.29 -3.81 20.51
N THR B 30 19.39 -3.53 19.58
CA THR B 30 19.79 -3.26 18.21
C THR B 30 20.03 -1.77 17.94
N ALA B 31 19.72 -0.94 18.93
CA ALA B 31 19.90 0.50 18.82
C ALA B 31 21.37 0.86 18.66
N GLY B 32 21.66 1.74 17.72
CA GLY B 32 23.03 2.17 17.51
C GLY B 32 23.86 1.37 16.54
N VAL B 33 23.59 0.07 16.43
CA VAL B 33 24.35 -0.81 15.53
C VAL B 33 24.04 -0.59 14.04
N ALA B 34 25.04 -0.80 13.20
CA ALA B 34 24.89 -0.64 11.75
C ALA B 34 24.23 0.72 11.49
N PRO B 35 24.85 1.80 11.99
CA PRO B 35 24.32 3.15 11.82
C PRO B 35 24.15 3.51 10.36
N GLY B 36 23.01 4.10 10.04
CA GLY B 36 22.76 4.50 8.66
C GLY B 36 21.98 3.44 7.91
N MSE B 37 21.71 2.34 8.60
CA MSE B 37 20.96 1.25 8.00
C MSE B 37 19.52 1.20 8.57
O MSE B 37 19.32 1.22 9.78
CB MSE B 37 21.68 -0.08 8.23
CG MSE B 37 22.97 -0.24 7.42
SE MSE B 37 22.68 -0.32 5.48
CE MSE B 37 20.81 -0.73 5.58
N THR B 38 18.53 1.18 7.69
CA THR B 38 17.14 1.12 8.12
C THR B 38 16.80 -0.13 8.92
N GLN B 39 16.24 0.04 10.11
CA GLN B 39 15.85 -1.10 10.93
C GLN B 39 14.34 -1.23 10.86
N ALA B 40 13.83 -2.46 10.94
CA ALA B 40 12.39 -2.67 10.83
C ALA B 40 11.76 -3.53 11.92
N ASN B 41 10.45 -3.32 12.11
CA ASN B 41 9.65 -4.05 13.08
C ASN B 41 9.20 -5.30 12.32
N LEU B 42 8.82 -6.35 13.03
CA LEU B 42 8.36 -7.57 12.38
C LEU B 42 7.10 -8.18 12.98
N ILE B 43 6.28 -8.73 12.10
CA ILE B 43 5.08 -9.45 12.50
C ILE B 43 4.88 -10.50 11.41
N ALA B 44 4.91 -11.76 11.82
CA ALA B 44 4.74 -12.87 10.91
C ALA B 44 3.45 -13.59 11.28
N LEU B 45 2.60 -13.77 10.28
CA LEU B 45 1.31 -14.40 10.51
C LEU B 45 1.03 -15.51 9.51
N PRO B 46 0.10 -16.40 9.87
CA PRO B 46 -0.27 -17.51 8.99
C PRO B 46 -1.04 -16.87 7.84
N ARG B 47 -0.83 -17.38 6.63
CA ARG B 47 -1.49 -16.81 5.46
C ARG B 47 -2.92 -16.34 5.68
N ASP B 48 -3.73 -17.15 6.35
CA ASP B 48 -5.12 -16.78 6.59
C ASP B 48 -5.27 -15.46 7.34
N TRP B 49 -4.40 -15.19 8.29
CA TRP B 49 -4.50 -13.93 9.02
C TRP B 49 -3.67 -12.87 8.34
N ALA B 50 -2.78 -13.30 7.46
CA ALA B 50 -1.93 -12.35 6.74
C ALA B 50 -2.83 -11.46 5.88
N TYR B 51 -3.97 -12.00 5.42
CA TYR B 51 -4.88 -11.18 4.60
C TYR B 51 -5.42 -10.03 5.45
N ASP B 52 -5.91 -10.34 6.65
CA ASP B 52 -6.43 -9.35 7.59
C ASP B 52 -5.42 -8.26 7.90
N PHE B 53 -4.17 -8.64 8.14
CA PHE B 53 -3.15 -7.64 8.45
C PHE B 53 -2.69 -6.81 7.24
N LEU B 54 -2.48 -7.47 6.11
CA LEU B 54 -2.07 -6.74 4.90
C LEU B 54 -3.14 -5.67 4.64
N LEU B 55 -4.43 -6.03 4.82
CA LEU B 55 -5.53 -5.09 4.61
C LEU B 55 -5.54 -4.04 5.72
N TYR B 56 -5.08 -4.44 6.90
CA TYR B 56 -5.01 -3.54 8.04
C TYR B 56 -3.97 -2.48 7.69
N ALA B 57 -2.91 -2.93 7.04
CA ALA B 57 -1.84 -2.01 6.64
C ALA B 57 -2.27 -1.07 5.51
N GLN B 58 -2.95 -1.60 4.50
CA GLN B 58 -3.38 -0.75 3.41
C GLN B 58 -4.37 0.30 3.90
N ARG B 59 -5.07 -0.01 4.99
CA ARG B 59 -6.04 0.91 5.56
C ARG B 59 -5.48 1.89 6.59
N ASN B 60 -4.31 1.56 7.15
CA ASN B 60 -3.65 2.39 8.16
C ASN B 60 -2.16 2.56 7.84
N PRO B 61 -1.86 3.21 6.70
CA PRO B 61 -0.48 3.45 6.25
C PRO B 61 0.47 4.19 7.18
N LYS B 62 0.01 5.19 7.91
CA LYS B 62 0.92 5.89 8.82
C LYS B 62 1.32 5.06 10.02
N ALA B 63 0.43 4.18 10.47
CA ALA B 63 0.71 3.33 11.62
C ALA B 63 1.45 2.06 11.24
N CYS B 64 1.18 1.55 10.05
CA CYS B 64 1.83 0.32 9.59
C CYS B 64 2.45 0.45 8.19
N PRO B 65 3.54 1.22 8.07
CA PRO B 65 4.19 1.37 6.78
C PRO B 65 4.95 0.09 6.42
N ILE B 66 4.52 -0.58 5.36
CA ILE B 66 5.18 -1.83 4.94
C ILE B 66 6.46 -1.63 4.14
N LEU B 67 7.55 -2.22 4.63
CA LEU B 67 8.85 -2.18 3.95
C LEU B 67 8.90 -3.36 2.99
N ASP B 68 8.47 -4.53 3.49
CA ASP B 68 8.43 -5.71 2.64
C ASP B 68 7.47 -6.77 3.16
N VAL B 69 7.11 -7.69 2.28
CA VAL B 69 6.21 -8.79 2.61
C VAL B 69 6.81 -10.01 1.94
N SER B 70 7.06 -11.05 2.71
CA SER B 70 7.65 -12.28 2.18
C SER B 70 6.57 -13.14 1.55
N ASP B 71 6.95 -14.03 0.64
CA ASP B 71 5.97 -14.93 0.02
C ASP B 71 5.65 -15.84 1.19
N ALA B 72 4.46 -16.43 1.20
CA ALA B 72 4.08 -17.31 2.30
C ALA B 72 5.01 -18.52 2.36
N GLY B 73 5.50 -18.82 3.57
CA GLY B 73 6.39 -19.96 3.73
C GLY B 73 7.82 -19.68 3.38
N SER B 74 8.18 -18.40 3.24
CA SER B 74 9.55 -18.01 2.92
C SER B 74 10.09 -17.00 3.94
N PRO B 75 11.12 -17.38 4.71
CA PRO B 75 11.72 -16.51 5.73
C PRO B 75 12.72 -15.53 5.18
N THR B 76 12.60 -15.21 3.90
CA THR B 76 13.53 -14.28 3.30
C THR B 76 12.86 -12.95 2.99
N THR B 77 13.69 -11.96 2.69
CA THR B 77 13.23 -10.62 2.36
C THR B 77 14.21 -9.95 1.42
N LEU B 78 13.69 -9.22 0.44
CA LEU B 78 14.57 -8.53 -0.50
C LEU B 78 15.37 -7.42 0.19
N LEU B 79 14.94 -7.03 1.39
CA LEU B 79 15.62 -5.98 2.14
C LEU B 79 17.00 -6.41 2.65
N ALA B 80 17.29 -7.70 2.57
CA ALA B 80 18.60 -8.21 3.00
C ALA B 80 18.89 -9.55 2.36
N GLU B 81 19.73 -9.51 1.34
CA GLU B 81 20.10 -10.73 0.63
C GLU B 81 20.81 -11.69 1.57
N GLY B 82 20.40 -12.95 1.56
CA GLY B 82 21.02 -13.96 2.41
C GLY B 82 20.55 -13.99 3.87
N SER B 83 19.73 -13.02 4.27
CA SER B 83 19.25 -13.00 5.64
C SER B 83 18.11 -13.98 5.83
N ASP B 84 17.94 -14.44 7.06
CA ASP B 84 16.89 -15.38 7.41
C ASP B 84 16.13 -14.74 8.56
N LEU B 85 14.83 -14.54 8.36
CA LEU B 85 14.00 -13.91 9.38
C LEU B 85 13.78 -14.70 10.66
N ARG B 86 13.86 -16.02 10.61
CA ARG B 86 13.63 -16.79 11.82
C ARG B 86 14.78 -16.68 12.80
N THR B 87 15.93 -16.21 12.36
CA THR B 87 17.06 -16.16 13.26
C THR B 87 17.89 -14.89 13.33
N ASP B 88 17.75 -13.99 12.35
CA ASP B 88 18.59 -12.81 12.35
C ASP B 88 18.18 -11.64 13.22
N ILE B 89 17.10 -11.81 13.96
CA ILE B 89 16.68 -10.77 14.89
C ILE B 89 17.14 -11.29 16.25
N PRO B 90 17.72 -10.43 17.09
CA PRO B 90 18.19 -10.89 18.41
C PRO B 90 17.13 -11.55 19.28
N MSE B 91 15.94 -10.96 19.35
CA MSE B 91 14.86 -11.47 20.19
C MSE B 91 13.46 -11.42 19.55
O MSE B 91 13.11 -10.44 18.89
CB MSE B 91 14.81 -10.68 21.50
CG MSE B 91 15.80 -11.12 22.53
SE MSE B 91 15.20 -12.74 23.41
CE MSE B 91 13.89 -11.95 24.58
N TYR B 92 12.66 -12.45 19.78
CA TYR B 92 11.31 -12.53 19.23
C TYR B 92 10.25 -12.65 20.31
N ARG B 93 9.03 -12.32 19.92
CA ARG B 93 7.87 -12.39 20.80
C ARG B 93 6.86 -13.33 20.15
N ILE B 94 6.66 -14.50 20.75
CA ILE B 94 5.72 -15.47 20.23
C ILE B 94 4.37 -15.16 20.87
N TRP B 95 3.34 -15.00 20.06
CA TRP B 95 2.02 -14.69 20.58
C TRP B 95 1.04 -15.84 20.36
N ARG B 96 0.16 -16.06 21.34
CA ARG B 96 -0.85 -17.11 21.27
C ARG B 96 -2.15 -16.59 21.86
N ASP B 97 -3.23 -16.62 21.07
CA ASP B 97 -4.52 -16.10 21.53
C ASP B 97 -4.40 -14.66 22.01
N GLY B 98 -3.68 -13.86 21.22
CA GLY B 98 -3.49 -12.46 21.54
C GLY B 98 -3.09 -12.19 22.99
N LYS B 99 -2.03 -12.84 23.46
CA LYS B 99 -1.58 -12.63 24.84
C LYS B 99 -0.07 -12.57 25.06
N LEU B 100 0.71 -13.18 24.16
CA LEU B 100 2.17 -13.21 24.29
C LEU B 100 2.56 -14.34 25.20
N ALA B 101 2.90 -15.48 24.60
CA ALA B 101 3.26 -16.67 25.35
C ALA B 101 4.74 -16.83 25.68
N GLU B 102 5.63 -16.32 24.83
CA GLU B 102 7.05 -16.49 25.10
C GLU B 102 7.97 -15.61 24.26
N GLU B 103 9.19 -15.45 24.73
CA GLU B 103 10.21 -14.68 24.05
C GLU B 103 11.41 -15.56 23.83
N VAL B 104 11.85 -15.65 22.59
CA VAL B 104 12.98 -16.50 22.25
C VAL B 104 14.00 -15.77 21.39
N SER B 105 15.23 -16.25 21.46
CA SER B 105 16.32 -15.68 20.67
C SER B 105 16.28 -16.31 19.27
N ASP B 106 15.45 -17.33 19.11
CA ASP B 106 15.32 -18.03 17.84
C ASP B 106 13.87 -18.38 17.60
N ALA B 107 13.30 -17.80 16.56
CA ALA B 107 11.91 -18.06 16.22
C ALA B 107 11.76 -19.26 15.29
N THR B 108 12.88 -19.88 14.93
CA THR B 108 12.89 -21.05 14.02
C THR B 108 11.83 -22.09 14.36
N GLN B 109 11.79 -22.51 15.63
CA GLN B 109 10.82 -23.51 16.06
C GLN B 109 9.39 -23.02 15.90
N ALA B 110 9.11 -21.81 16.39
CA ALA B 110 7.77 -21.24 16.30
C ALA B 110 7.27 -21.10 14.87
N TRP B 111 8.16 -20.68 13.96
CA TRP B 111 7.80 -20.53 12.56
C TRP B 111 7.29 -21.86 11.96
N ALA B 112 7.97 -22.96 12.29
CA ALA B 112 7.61 -24.28 11.79
C ALA B 112 6.20 -24.74 12.18
N GLU B 113 5.53 -23.99 13.05
CA GLU B 113 4.17 -24.35 13.47
C GLU B 113 3.14 -24.05 12.38
N HIS B 114 3.58 -23.36 11.34
CA HIS B 114 2.73 -23.02 10.20
C HIS B 114 3.64 -22.95 8.99
N ASP B 115 3.38 -23.78 7.99
CA ASP B 115 4.22 -23.78 6.82
C ASP B 115 3.75 -22.76 5.80
N ASP B 116 2.84 -21.88 6.24
CA ASP B 116 2.32 -20.84 5.37
C ASP B 116 2.49 -19.47 6.01
N MSE B 117 3.53 -19.33 6.83
CA MSE B 117 3.83 -18.08 7.53
C MSE B 117 4.19 -16.97 6.54
O MSE B 117 4.96 -17.19 5.60
CB MSE B 117 5.03 -18.25 8.48
CG MSE B 117 4.80 -19.11 9.69
SE MSE B 117 3.45 -18.39 10.87
CE MSE B 117 4.40 -16.85 11.54
N VAL B 118 3.64 -15.78 6.78
CA VAL B 118 3.95 -14.63 5.95
C VAL B 118 4.60 -13.58 6.87
N ALA B 119 5.75 -13.05 6.45
CA ALA B 119 6.47 -12.05 7.24
C ALA B 119 6.26 -10.63 6.75
N PHE B 120 5.97 -9.74 7.68
CA PHE B 120 5.74 -8.33 7.37
C PHE B 120 6.77 -7.46 8.05
N LEU B 121 7.65 -6.84 7.27
CA LEU B 121 8.63 -5.95 7.85
C LEU B 121 7.99 -4.57 7.80
N ILE B 122 7.77 -4.00 8.99
CA ILE B 122 7.15 -2.70 9.12
C ILE B 122 8.19 -1.65 9.46
N GLY B 123 8.03 -0.47 8.86
CA GLY B 123 8.96 0.61 9.11
C GLY B 123 9.05 1.63 8.01
N CYS B 124 9.99 2.54 8.17
CA CYS B 124 10.22 3.62 7.23
C CYS B 124 11.73 3.83 7.13
N SER B 125 12.22 4.15 5.94
CA SER B 125 13.64 4.39 5.77
C SER B 125 13.97 5.85 6.05
N PHE B 126 12.95 6.64 6.35
CA PHE B 126 13.13 8.06 6.65
C PHE B 126 13.18 8.29 8.16
N THR B 127 14.37 8.25 8.75
CA THR B 127 14.51 8.48 10.19
C THR B 127 14.69 9.98 10.45
N PHE B 128 13.89 10.52 11.35
CA PHE B 128 13.97 11.94 11.68
C PHE B 128 14.83 12.23 12.90
N GLU B 129 15.24 11.18 13.62
CA GLU B 129 16.06 11.40 14.80
C GLU B 129 17.39 12.08 14.45
N THR B 130 18.00 11.65 13.35
CA THR B 130 19.26 12.24 12.94
C THR B 130 19.11 13.75 12.79
N PRO B 131 18.12 14.20 12.00
CA PRO B 131 17.90 15.64 11.81
C PRO B 131 17.69 16.41 13.11
N LEU B 132 17.06 15.77 14.10
CA LEU B 132 16.81 16.42 15.39
C LEU B 132 18.12 16.63 16.14
N GLN B 133 18.86 15.55 16.36
CA GLN B 133 20.13 15.62 17.07
C GLN B 133 21.07 16.61 16.38
N GLU B 134 20.89 16.77 15.08
CA GLU B 134 21.52 17.87 14.35
C GLU B 134 20.61 19.09 14.30
N ALA B 135 19.93 19.36 15.41
CA ALA B 135 19.57 20.73 15.77
C ALA B 135 19.72 20.95 17.28
N GLY B 136 20.27 19.97 17.97
CA GLY B 136 20.42 20.03 19.41
C GLY B 136 19.14 19.69 20.15
N ILE B 137 18.21 19.08 19.44
CA ILE B 137 16.90 18.75 20.01
C ILE B 137 16.99 17.53 20.92
N GLU B 138 18.05 16.75 20.75
CA GLU B 138 18.42 15.74 21.72
C GLU B 138 17.33 14.67 21.85
N VAL B 139 17.64 13.46 21.40
CA VAL B 139 16.69 12.35 21.49
C VAL B 139 16.82 11.64 22.83
N ARG B 140 15.99 12.04 23.79
CA ARG B 140 16.21 11.70 25.19
C ARG B 140 16.73 10.27 25.33
N HIS B 141 16.05 9.33 24.68
CA HIS B 141 16.26 7.91 24.93
C HIS B 141 17.59 7.45 24.35
N ILE B 142 18.10 8.20 23.36
CA ILE B 142 19.43 7.96 22.84
C ILE B 142 20.50 8.45 23.80
N THR B 143 20.10 9.31 24.74
CA THR B 143 21.03 9.86 25.72
C THR B 143 21.18 8.92 26.92
N ASP B 144 20.07 8.36 27.36
CA ASP B 144 20.10 7.24 28.30
C ASP B 144 20.06 5.91 27.55
N GLY B 145 20.43 4.84 28.25
CA GLY B 145 20.53 3.52 27.65
C GLY B 145 19.21 2.77 27.66
N CYS B 146 18.24 3.24 26.88
CA CYS B 146 16.87 2.79 26.99
C CYS B 146 16.18 2.77 25.64
N ASN B 147 15.10 1.99 25.53
CA ASN B 147 14.24 2.02 24.36
C ASN B 147 13.18 3.10 24.46
N VAL B 148 12.81 3.68 23.31
CA VAL B 148 11.89 4.81 23.28
C VAL B 148 10.52 4.42 23.83
N PRO B 149 10.02 5.22 24.77
CA PRO B 149 8.71 4.95 25.37
C PRO B 149 7.62 4.96 24.31
N MSE B 150 6.81 3.92 24.28
CA MSE B 150 5.73 3.81 23.33
C MSE B 150 4.41 3.59 24.08
O MSE B 150 4.36 2.84 25.07
CB MSE B 150 6.01 2.65 22.36
CG MSE B 150 7.36 2.73 21.66
SE MSE B 150 7.84 1.08 20.74
CE MSE B 150 8.94 1.81 19.33
N TYR B 151 3.35 4.23 23.60
CA TYR B 151 2.05 4.14 24.25
C TYR B 151 0.90 3.71 23.35
N ARG B 152 -0.06 3.03 23.94
CA ARG B 152 -1.24 2.60 23.25
C ARG B 152 -2.22 3.75 23.45
N THR B 153 -2.67 4.36 22.35
CA THR B 153 -3.58 5.50 22.44
C THR B 153 -5.06 5.16 22.38
N ASN B 154 -5.86 6.22 22.38
CA ASN B 154 -7.31 6.13 22.31
C ASN B 154 -7.74 6.43 20.87
N ARG B 155 -6.82 6.26 19.93
CA ARG B 155 -7.12 6.50 18.53
C ARG B 155 -7.13 5.16 17.79
N ALA B 156 -8.33 4.65 17.57
CA ALA B 156 -8.49 3.36 16.92
C ALA B 156 -8.12 3.37 15.44
N CYS B 157 -7.51 2.28 15.00
CA CYS B 157 -7.12 2.12 13.60
C CYS B 157 -8.39 1.71 12.85
N ARG B 158 -8.44 1.98 11.56
CA ARG B 158 -9.59 1.56 10.79
C ARG B 158 -9.54 0.05 10.82
N PRO B 159 -10.69 -0.61 11.09
CA PRO B 159 -10.75 -2.07 11.14
C PRO B 159 -10.51 -2.73 9.78
N ALA B 160 -10.00 -3.95 9.81
CA ALA B 160 -9.69 -4.71 8.61
C ALA B 160 -9.94 -6.19 8.90
N GLY B 161 -11.01 -6.73 8.31
CA GLY B 161 -11.33 -8.13 8.55
C GLY B 161 -11.60 -8.39 10.02
N ARG B 162 -10.78 -9.25 10.62
CA ARG B 162 -10.89 -9.63 12.02
C ARG B 162 -10.07 -8.74 12.95
N LEU B 163 -9.19 -7.94 12.36
CA LEU B 163 -8.31 -7.08 13.13
C LEU B 163 -8.88 -5.71 13.48
N HIS B 164 -8.57 -5.25 14.67
CA HIS B 164 -8.98 -3.94 15.13
C HIS B 164 -8.05 -3.57 16.26
N GLY B 165 -7.87 -2.28 16.52
CA GLY B 165 -6.96 -1.92 17.60
C GLY B 165 -6.52 -0.46 17.54
N GLU B 166 -5.88 -0.02 18.61
CA GLU B 166 -5.43 1.36 18.70
C GLU B 166 -4.03 1.59 18.16
N MSE B 167 -3.78 2.83 17.76
CA MSE B 167 -2.48 3.24 17.25
C MSE B 167 -1.50 3.40 18.42
O MSE B 167 -1.84 4.02 19.42
CB MSE B 167 -2.60 4.59 16.53
CG MSE B 167 -1.30 5.37 16.43
SE MSE B 167 -1.48 7.01 15.42
CE MSE B 167 -2.64 7.99 16.62
N VAL B 168 -0.32 2.81 18.27
CA VAL B 168 0.71 2.89 19.28
C VAL B 168 1.71 3.96 18.84
N VAL B 169 1.83 5.03 19.62
CA VAL B 169 2.73 6.14 19.31
C VAL B 169 4.06 6.09 20.07
N SER B 170 5.06 6.81 19.56
CA SER B 170 6.37 6.88 20.20
C SER B 170 6.48 8.27 20.81
N MSE B 171 7.12 8.39 21.97
CA MSE B 171 7.21 9.68 22.64
C MSE B 171 8.63 10.21 22.88
O MSE B 171 9.49 9.52 23.42
CB MSE B 171 6.46 9.58 23.98
CG MSE B 171 6.30 10.87 24.76
SE MSE B 171 7.87 11.42 25.77
CE MSE B 171 7.75 13.30 25.45
N ARG B 172 8.86 11.45 22.44
CA ARG B 172 10.14 12.12 22.59
C ARG B 172 9.92 13.44 23.33
N PRO B 173 10.65 13.68 24.42
CA PRO B 173 10.50 14.95 25.16
C PRO B 173 11.19 16.04 24.35
N ILE B 174 10.50 17.14 24.10
CA ILE B 174 11.09 18.22 23.31
C ILE B 174 10.97 19.61 23.94
N PRO B 175 12.07 20.37 23.96
CA PRO B 175 12.06 21.71 24.54
C PRO B 175 10.94 22.58 23.96
N ALA B 176 10.10 23.11 24.85
CA ALA B 176 8.97 23.95 24.47
C ALA B 176 9.22 24.89 23.30
N ASP B 177 10.28 25.68 23.37
CA ASP B 177 10.59 26.65 22.31
C ASP B 177 11.22 26.03 21.06
N ARG B 178 11.37 24.71 21.06
CA ARG B 178 11.96 24.01 19.92
C ARG B 178 10.91 23.24 19.13
N VAL B 179 9.96 22.66 19.87
CA VAL B 179 8.87 21.85 19.30
C VAL B 179 8.38 22.27 17.91
N ALA B 180 8.17 23.56 17.69
CA ALA B 180 7.69 24.05 16.41
C ALA B 180 8.51 23.56 15.22
N GLU B 181 9.80 23.39 15.40
CA GLU B 181 10.65 22.94 14.30
C GLU B 181 10.81 21.42 14.31
N ALA B 182 10.77 20.82 15.50
CA ALA B 182 10.92 19.37 15.63
C ALA B 182 9.88 18.64 14.78
N SER B 183 8.67 19.21 14.70
CA SER B 183 7.59 18.61 13.92
C SER B 183 7.76 18.91 12.45
N ALA B 184 8.20 20.14 12.15
CA ALA B 184 8.43 20.57 10.77
C ALA B 184 9.52 19.70 10.16
N ILE B 185 10.59 19.47 10.94
CA ILE B 185 11.71 18.64 10.52
C ILE B 185 11.22 17.21 10.33
N SER B 186 10.65 16.65 11.40
CA SER B 186 10.14 15.29 11.35
C SER B 186 8.89 15.20 10.47
N GLY B 187 8.84 16.01 9.42
CA GLY B 187 7.70 15.99 8.51
C GLY B 187 8.11 16.40 7.11
N ARG B 188 9.40 16.39 6.85
CA ARG B 188 9.94 16.77 5.54
C ARG B 188 9.35 15.90 4.43
N HIS B 193 3.52 10.36 7.41
CA HIS B 193 4.16 9.22 8.06
C HIS B 193 5.06 9.68 9.20
N GLY B 194 5.75 10.79 8.98
CA GLY B 194 6.72 11.29 9.95
C GLY B 194 6.19 12.46 10.75
N ALA B 195 5.18 13.13 10.21
CA ALA B 195 4.46 14.16 10.95
C ALA B 195 3.94 13.62 12.27
N PRO B 196 4.14 14.37 13.34
CA PRO B 196 3.81 13.90 14.69
C PRO B 196 2.33 14.07 15.00
N VAL B 197 1.76 13.09 15.70
CA VAL B 197 0.31 12.91 15.72
C VAL B 197 -0.32 13.66 16.88
N HIS B 198 0.50 14.06 17.85
CA HIS B 198 0.01 14.71 19.05
C HIS B 198 1.13 15.45 19.77
N ILE B 199 0.91 16.74 20.04
CA ILE B 199 1.69 17.46 21.03
C ILE B 199 0.83 17.93 22.19
N GLY B 200 1.21 17.54 23.39
CA GLY B 200 0.71 18.17 24.60
C GLY B 200 0.10 17.19 25.57
N GLU B 201 -1.02 17.58 26.18
CA GLU B 201 -1.69 16.75 27.17
C GLU B 201 -1.69 15.28 26.74
N PRO B 202 -0.86 14.48 27.40
CA PRO B 202 -0.79 13.05 27.11
C PRO B 202 -2.11 12.35 27.44
N GLY B 203 -2.94 13.01 28.24
CA GLY B 203 -4.22 12.43 28.62
C GLY B 203 -5.21 12.45 27.49
N ARG B 204 -5.19 13.54 26.73
CA ARG B 204 -6.09 13.71 25.59
C ARG B 204 -5.86 12.63 24.53
N LEU B 205 -4.74 11.94 24.60
CA LEU B 205 -4.43 10.90 23.63
C LEU B 205 -4.69 9.55 24.29
N GLY B 206 -5.29 9.58 25.48
CA GLY B 206 -5.59 8.35 26.19
C GLY B 206 -4.47 7.85 27.09
N ILE B 207 -3.41 8.65 27.23
CA ILE B 207 -2.28 8.25 28.07
C ILE B 207 -2.45 8.83 29.46
N ASN B 208 -2.54 7.97 30.46
CA ASN B 208 -2.74 8.42 31.83
C ASN B 208 -1.48 8.67 32.63
N ASP B 209 -0.48 7.82 32.46
CA ASP B 209 0.77 7.96 33.20
C ASP B 209 2.01 7.73 32.34
N LEU B 210 2.58 8.81 31.82
CA LEU B 210 3.78 8.71 30.99
C LEU B 210 4.90 7.89 31.64
N SER B 211 4.97 7.90 32.96
CA SER B 211 6.01 7.14 33.65
C SER B 211 5.83 5.65 33.42
N ARG B 212 4.69 5.28 32.83
CA ARG B 212 4.38 3.88 32.56
C ARG B 212 4.07 3.64 31.07
N PRO B 213 5.10 3.39 30.27
CA PRO B 213 4.91 3.14 28.83
C PRO B 213 4.59 1.67 28.55
N ASP B 214 3.69 1.44 27.60
CA ASP B 214 3.31 0.08 27.23
C ASP B 214 4.44 -0.65 26.50
N PHE B 215 5.35 0.11 25.89
CA PHE B 215 6.47 -0.48 25.15
C PHE B 215 7.75 0.33 25.34
N GLY B 216 8.83 -0.38 25.61
CA GLY B 216 10.12 0.26 25.81
C GLY B 216 10.37 0.62 27.25
N ASP B 217 11.24 1.60 27.47
CA ASP B 217 11.59 2.05 28.81
C ASP B 217 11.10 3.48 29.00
N ALA B 218 10.58 3.77 30.18
CA ALA B 218 10.10 5.11 30.45
C ALA B 218 11.31 6.04 30.46
N VAL B 219 11.08 7.32 30.21
CA VAL B 219 12.15 8.28 30.21
C VAL B 219 11.77 9.46 31.11
N SER B 220 12.78 10.19 31.56
CA SER B 220 12.57 11.33 32.43
C SER B 220 12.25 12.57 31.59
N ILE B 221 11.12 13.21 31.89
CA ILE B 221 10.72 14.41 31.16
C ILE B 221 11.08 15.63 32.02
N LYS B 222 12.03 16.44 31.54
CA LYS B 222 12.44 17.62 32.28
C LYS B 222 11.30 18.62 32.43
N PRO B 223 11.34 19.44 33.49
CA PRO B 223 10.33 20.46 33.80
C PRO B 223 9.84 21.35 32.65
N GLY B 224 10.61 21.45 31.57
CA GLY B 224 10.18 22.29 30.46
C GLY B 224 9.61 21.59 29.24
N GLU B 225 10.13 20.42 28.91
CA GLU B 225 9.67 19.68 27.73
C GLU B 225 8.19 19.37 27.60
N VAL B 226 7.78 19.25 26.35
CA VAL B 226 6.40 18.92 25.98
C VAL B 226 6.45 17.56 25.29
N PRO B 227 5.57 16.64 25.70
CA PRO B 227 5.57 15.32 25.06
C PRO B 227 5.05 15.37 23.62
N VAL B 228 5.87 14.89 22.68
CA VAL B 228 5.51 14.87 21.27
C VAL B 228 5.41 13.40 20.85
N PHE B 229 4.32 13.04 20.21
CA PHE B 229 4.07 11.65 19.81
C PHE B 229 4.14 11.32 18.31
N TRP B 230 4.64 10.14 17.99
CA TRP B 230 4.77 9.70 16.60
C TRP B 230 4.18 8.32 16.37
N ALA B 231 3.47 8.14 15.26
CA ALA B 231 2.90 6.84 14.94
C ALA B 231 4.08 5.90 15.02
N CYS B 232 3.87 4.75 15.64
CA CYS B 232 4.94 3.79 15.82
C CYS B 232 4.72 2.45 15.12
N GLY B 233 5.80 1.89 14.59
CA GLY B 233 5.70 0.62 13.89
C GLY B 233 5.51 -0.54 14.85
N VAL B 234 4.74 -0.32 15.91
CA VAL B 234 4.50 -1.37 16.90
C VAL B 234 3.00 -1.61 17.06
N THR B 235 2.20 -0.79 16.38
CA THR B 235 0.74 -0.90 16.44
C THR B 235 0.16 -2.29 16.13
N PRO B 236 0.75 -3.04 15.19
CA PRO B 236 0.17 -4.36 14.93
C PRO B 236 0.15 -5.22 16.17
N GLN B 237 1.17 -5.12 17.01
CA GLN B 237 1.17 -5.92 18.23
C GLN B 237 -0.04 -5.57 19.08
N ALA B 238 -0.48 -4.30 19.01
CA ALA B 238 -1.63 -3.87 19.78
C ALA B 238 -2.89 -4.51 19.21
N ALA B 239 -2.94 -4.61 17.88
CA ALA B 239 -4.10 -5.22 17.21
C ALA B 239 -4.10 -6.72 17.48
N VAL B 240 -2.91 -7.28 17.72
CA VAL B 240 -2.78 -8.70 18.02
C VAL B 240 -3.40 -9.04 19.36
N MSE B 241 -3.32 -8.11 20.30
CA MSE B 241 -3.87 -8.32 21.63
C MSE B 241 -5.36 -8.05 21.68
O MSE B 241 -6.11 -8.72 22.39
CB MSE B 241 -3.15 -7.45 22.65
CG MSE B 241 -1.67 -7.75 22.79
SE MSE B 241 -0.79 -6.67 24.13
CE MSE B 241 -1.46 -7.54 25.72
N ALA B 242 -5.80 -7.04 20.93
CA ALA B 242 -7.19 -6.65 20.88
C ALA B 242 -8.04 -7.50 19.96
N SER B 243 -7.41 -8.24 19.05
CA SER B 243 -8.16 -9.06 18.11
C SER B 243 -8.12 -10.54 18.45
N GLY B 244 -7.35 -10.90 19.48
CA GLY B 244 -7.26 -12.28 19.89
C GLY B 244 -6.65 -13.16 18.82
N VAL B 245 -5.68 -12.60 18.11
CA VAL B 245 -4.98 -13.33 17.06
C VAL B 245 -4.44 -14.63 17.64
N PRO B 246 -4.91 -15.78 17.15
CA PRO B 246 -4.49 -17.10 17.62
C PRO B 246 -2.98 -17.35 17.66
N PHE B 247 -2.25 -16.90 16.65
CA PHE B 247 -0.82 -17.11 16.61
C PHE B 247 -0.09 -16.08 15.76
N ALA B 248 1.00 -15.53 16.30
CA ALA B 248 1.78 -14.55 15.55
C ALA B 248 3.19 -14.50 16.12
N ILE B 249 4.11 -13.97 15.34
CA ILE B 249 5.50 -13.83 15.74
C ILE B 249 5.94 -12.43 15.35
N THR B 250 6.52 -11.72 16.30
CA THR B 250 7.00 -10.36 16.04
C THR B 250 8.37 -10.26 16.69
N HIS B 251 9.02 -9.11 16.53
CA HIS B 251 10.31 -8.88 17.15
C HIS B 251 10.04 -8.50 18.60
N SER B 252 11.10 -8.29 19.38
CA SER B 252 10.98 -7.89 20.77
C SER B 252 11.44 -6.44 20.91
N PRO B 253 10.94 -5.72 21.94
CA PRO B 253 11.24 -4.34 22.26
C PRO B 253 12.27 -3.62 21.39
N GLY B 254 13.51 -3.56 21.86
CA GLY B 254 14.55 -2.88 21.10
C GLY B 254 15.43 -3.86 20.35
N TYR B 255 14.81 -4.89 19.80
CA TYR B 255 15.52 -5.92 19.05
C TYR B 255 14.86 -6.04 17.69
N MSE B 256 15.32 -5.20 16.77
CA MSE B 256 14.74 -5.17 15.44
C MSE B 256 15.59 -5.87 14.38
O MSE B 256 16.69 -6.36 14.67
CB MSE B 256 14.58 -3.72 15.02
CG MSE B 256 14.33 -2.81 16.18
SE MSE B 256 13.49 -1.24 15.54
CE MSE B 256 11.87 -2.09 14.98
N PHE B 257 15.06 -5.90 13.18
CA PHE B 257 15.74 -6.50 12.04
C PHE B 257 16.55 -5.43 11.30
N ILE B 258 17.86 -5.62 11.22
CA ILE B 258 18.70 -4.66 10.51
C ILE B 258 18.80 -5.05 9.04
N THR B 259 18.26 -4.18 8.19
CA THR B 259 18.24 -4.37 6.72
C THR B 259 19.52 -3.84 6.07
N ASP B 260 19.65 -4.06 4.76
CA ASP B 260 20.81 -3.57 4.00
C ASP B 260 20.37 -2.27 3.34
N VAL B 261 19.12 -1.86 3.62
CA VAL B 261 18.51 -0.64 3.07
C VAL B 261 18.86 0.63 3.87
N PRO B 262 19.70 1.50 3.29
CA PRO B 262 20.07 2.72 3.99
C PRO B 262 18.88 3.66 4.19
N ASP B 263 18.93 4.46 5.24
CA ASP B 263 17.88 5.40 5.53
C ASP B 263 18.22 6.76 4.90
#